data_5HFG
#
_entry.id   5HFG
#
_cell.length_a   38.808
_cell.length_b   38.808
_cell.length_c   233.482
_cell.angle_alpha   90.00
_cell.angle_beta   90.00
_cell.angle_gamma   90.00
#
_symmetry.space_group_name_H-M   'P 41 21 2'
#
loop_
_entity.id
_entity.type
_entity.pdbx_description
1 polymer 'Uncharacterized protein, cytosolic disulfide reductase DsbM'
2 water water
#
_entity_poly.entity_id   1
_entity_poly.type   'polypeptide(L)'
_entity_poly.pdbx_seq_one_letter_code
;GAMAMNDLTLHYLYDPLCGWCYGASPLLAAACEVTGLDVRLHGGGMMTDANRQPVGAGLRHYVMPHDLRIAQLTGQPFGK
DYFDGLLRDTSAVFDSAPPTAAVLAAEALDGLGAAMLARIQRAHYVEGRRIAERPVLLELGAELGLGEGFAEAFDACSGE
PLRAHFADSRRLMNRLGAAGFPTFALERDGRLQVLDTGRYLGQPDDWRAFLETQLRLAGGSGAVGGAAAPLCRIDGCA
;
_entity_poly.pdbx_strand_id   A
#
# COMPACT_ATOMS: atom_id res chain seq x y z
N LEU A 8 -13.78 15.83 -4.51
CA LEU A 8 -13.59 14.41 -4.74
C LEU A 8 -12.40 13.84 -3.99
N THR A 9 -12.63 12.73 -3.27
CA THR A 9 -11.59 12.05 -2.54
C THR A 9 -11.55 10.59 -2.97
N LEU A 10 -10.35 10.11 -3.31
CA LEU A 10 -10.11 8.70 -3.58
C LEU A 10 -9.58 8.03 -2.31
N HIS A 11 -10.36 7.10 -1.77
CA HIS A 11 -9.97 6.31 -0.61
C HIS A 11 -9.34 5.01 -1.09
N TYR A 12 -8.14 4.72 -0.59
CA TYR A 12 -7.40 3.53 -0.97
C TYR A 12 -7.21 2.64 0.26
N LEU A 13 -7.90 1.50 0.28
CA LEU A 13 -7.72 0.49 1.30
C LEU A 13 -6.69 -0.52 0.83
N TYR A 14 -5.60 -0.64 1.59
CA TYR A 14 -4.43 -1.38 1.15
C TYR A 14 -3.82 -2.15 2.31
N ASP A 15 -2.85 -3.01 1.97
CA ASP A 15 -1.93 -3.50 2.96
C ASP A 15 -0.55 -3.61 2.34
N PRO A 16 0.52 -3.23 3.06
CA PRO A 16 1.87 -3.33 2.47
C PRO A 16 2.24 -4.72 1.96
N LEU A 17 1.69 -5.78 2.54
CA LEU A 17 2.08 -7.14 2.19
C LEU A 17 1.10 -7.80 1.23
N CYS A 18 0.20 -7.03 0.65
N CYS A 18 0.22 -7.02 0.62
CA CYS A 18 -0.77 -7.54 -0.30
CA CYS A 18 -0.80 -7.51 -0.30
C CYS A 18 -0.19 -7.44 -1.71
C CYS A 18 -0.24 -7.43 -1.73
N GLY A 19 -0.02 -8.59 -2.35
CA GLY A 19 0.57 -8.59 -3.69
C GLY A 19 -0.28 -7.86 -4.71
N TRP A 20 -1.61 -7.97 -4.61
CA TRP A 20 -2.46 -7.24 -5.55
C TRP A 20 -2.40 -5.74 -5.32
N CYS A 21 -2.14 -5.30 -4.08
N CYS A 21 -2.14 -5.31 -4.08
CA CYS A 21 -1.93 -3.87 -3.86
CA CYS A 21 -1.93 -3.88 -3.85
C CYS A 21 -0.66 -3.41 -4.56
C CYS A 21 -0.65 -3.40 -4.52
N TYR A 22 0.38 -4.25 -4.55
CA TYR A 22 1.58 -3.95 -5.33
C TYR A 22 1.24 -3.89 -6.80
N GLY A 23 0.40 -4.83 -7.28
CA GLY A 23 -0.07 -4.75 -8.65
C GLY A 23 -0.79 -3.45 -8.95
N ALA A 24 -1.42 -2.85 -7.95
CA ALA A 24 -2.13 -1.59 -8.11
C ALA A 24 -1.26 -0.37 -7.82
N SER A 25 0.02 -0.54 -7.50
CA SER A 25 0.88 0.61 -7.24
CA SER A 25 0.86 0.61 -7.23
C SER A 25 0.88 1.62 -8.38
N PRO A 26 0.88 1.22 -9.66
CA PRO A 26 0.77 2.23 -10.71
C PRO A 26 -0.56 2.98 -10.68
N LEU A 27 -1.63 2.37 -10.16
CA LEU A 27 -2.91 3.09 -10.10
C LEU A 27 -2.88 4.15 -9.01
N LEU A 28 -2.31 3.83 -7.85
CA LEU A 28 -2.09 4.86 -6.83
C LEU A 28 -1.26 6.00 -7.38
N ALA A 29 -0.14 5.68 -8.06
CA ALA A 29 0.71 6.74 -8.59
C ALA A 29 -0.04 7.63 -9.57
N ALA A 30 -0.81 7.03 -10.48
CA ALA A 30 -1.55 7.82 -11.46
C ALA A 30 -2.65 8.65 -10.80
N ALA A 31 -3.29 8.11 -9.76
CA ALA A 31 -4.30 8.88 -9.05
C ALA A 31 -3.69 10.10 -8.38
N CYS A 32 -2.45 9.98 -7.89
CA CYS A 32 -1.78 11.10 -7.27
C CYS A 32 -1.47 12.22 -8.27
N GLU A 33 -1.63 11.96 -9.57
CA GLU A 33 -1.37 12.98 -10.60
C GLU A 33 -2.61 13.71 -11.06
N VAL A 34 -3.78 13.39 -10.51
CA VAL A 34 -5.04 13.95 -10.96
C VAL A 34 -5.28 15.26 -10.23
N THR A 35 -5.21 16.37 -10.96
CA THR A 35 -5.41 17.69 -10.37
C THR A 35 -6.80 17.78 -9.75
N GLY A 36 -6.85 18.21 -8.48
CA GLY A 36 -8.10 18.37 -7.80
C GLY A 36 -8.63 17.12 -7.12
N LEU A 37 -7.91 16.01 -7.21
CA LEU A 37 -8.29 14.78 -6.53
C LEU A 37 -7.47 14.64 -5.25
N ASP A 38 -8.16 14.43 -4.14
CA ASP A 38 -7.50 14.07 -2.89
C ASP A 38 -7.42 12.54 -2.75
N VAL A 39 -6.27 12.03 -2.33
CA VAL A 39 -6.05 10.60 -2.14
C VAL A 39 -5.76 10.33 -0.67
N ARG A 40 -6.52 9.41 -0.06
CA ARG A 40 -6.34 9.08 1.34
C ARG A 40 -6.07 7.58 1.47
N LEU A 41 -5.03 7.24 2.20
CA LEU A 41 -4.64 5.86 2.44
C LEU A 41 -5.28 5.33 3.71
N HIS A 42 -5.70 4.07 3.65
CA HIS A 42 -6.32 3.36 4.78
C HIS A 42 -5.67 1.98 4.86
N GLY A 43 -4.73 1.81 5.79
CA GLY A 43 -4.09 0.51 5.94
C GLY A 43 -4.97 -0.42 6.75
N GLY A 44 -5.26 -1.61 6.19
CA GLY A 44 -6.21 -2.51 6.79
C GLY A 44 -5.66 -3.51 7.79
N GLY A 45 -4.34 -3.60 7.92
CA GLY A 45 -3.74 -4.55 8.83
C GLY A 45 -4.02 -6.00 8.48
N MET A 46 -3.65 -6.38 7.26
CA MET A 46 -4.01 -7.70 6.75
C MET A 46 -3.32 -8.81 7.55
N MET A 47 -2.02 -8.66 7.77
CA MET A 47 -1.20 -9.68 8.44
C MET A 47 -0.69 -9.11 9.76
N THR A 48 -1.59 -9.01 10.73
CA THR A 48 -1.26 -8.49 12.06
C THR A 48 -1.52 -9.51 13.18
N GLN A 53 2.61 -13.75 9.95
CA GLN A 53 3.05 -15.07 9.51
C GLN A 53 4.54 -15.13 9.16
N PRO A 54 5.30 -15.99 9.85
CA PRO A 54 6.70 -16.20 9.48
C PRO A 54 6.81 -16.92 8.14
N VAL A 55 7.91 -16.69 7.45
CA VAL A 55 8.14 -17.35 6.17
C VAL A 55 8.35 -18.84 6.41
N GLY A 56 7.57 -19.66 5.71
CA GLY A 56 7.72 -21.11 5.79
C GLY A 56 7.29 -21.80 4.51
N LEU A 59 3.98 -19.99 4.23
CA LEU A 59 3.75 -18.59 3.93
C LEU A 59 4.03 -18.34 2.44
N ARG A 60 5.01 -19.07 1.92
CA ARG A 60 5.49 -18.87 0.55
C ARG A 60 4.50 -19.40 -0.47
N HIS A 61 3.82 -20.51 -0.15
CA HIS A 61 2.83 -21.09 -1.05
C HIS A 61 1.65 -20.15 -1.28
N TYR A 62 1.35 -19.28 -0.31
CA TYR A 62 0.25 -18.33 -0.48
C TYR A 62 0.57 -17.26 -1.52
N VAL A 63 1.85 -16.90 -1.67
CA VAL A 63 2.23 -15.65 -2.33
C VAL A 63 2.82 -15.88 -3.72
N MET A 64 3.82 -16.75 -3.86
CA MET A 64 4.63 -16.73 -5.08
C MET A 64 3.83 -17.01 -6.35
N PRO A 65 2.94 -18.01 -6.41
CA PRO A 65 2.14 -18.16 -7.65
C PRO A 65 1.33 -16.93 -7.97
N HIS A 66 0.75 -16.27 -6.94
CA HIS A 66 0.10 -14.98 -7.14
C HIS A 66 1.03 -14.01 -7.83
N ASP A 67 2.29 -13.94 -7.38
CA ASP A 67 3.18 -12.85 -7.77
C ASP A 67 3.46 -12.86 -9.28
N LEU A 68 3.76 -14.03 -9.84
CA LEU A 68 4.01 -14.09 -11.27
C LEU A 68 2.75 -13.81 -12.08
N ARG A 69 1.59 -14.21 -11.56
CA ARG A 69 0.34 -13.80 -12.20
C ARG A 69 0.16 -12.28 -12.11
N ILE A 70 0.41 -11.71 -10.94
CA ILE A 70 0.38 -10.24 -10.80
C ILE A 70 1.31 -9.59 -11.81
N ALA A 71 2.53 -10.13 -11.95
CA ALA A 71 3.49 -9.56 -12.89
C ALA A 71 2.98 -9.64 -14.33
N GLN A 72 2.34 -10.74 -14.70
CA GLN A 72 1.95 -10.84 -16.10
C GLN A 72 0.72 -10.00 -16.42
N LEU A 73 -0.11 -9.68 -15.43
CA LEU A 73 -1.27 -8.81 -15.65
C LEU A 73 -0.96 -7.34 -15.53
N THR A 74 -0.03 -6.95 -14.65
CA THR A 74 0.24 -5.55 -14.38
C THR A 74 1.60 -5.07 -14.87
N GLY A 75 2.48 -5.98 -15.26
CA GLY A 75 3.83 -5.59 -15.58
C GLY A 75 4.69 -5.22 -14.39
N GLN A 76 4.16 -5.29 -13.17
CA GLN A 76 4.95 -4.94 -12.00
C GLN A 76 6.12 -5.90 -11.83
N PRO A 77 7.29 -5.39 -11.43
CA PRO A 77 8.50 -6.22 -11.33
C PRO A 77 8.71 -6.87 -9.98
N PHE A 78 9.29 -8.08 -10.01
CA PHE A 78 9.65 -8.83 -8.81
C PHE A 78 11.11 -9.23 -8.92
N GLY A 79 11.88 -8.96 -7.87
CA GLY A 79 13.32 -9.12 -7.93
C GLY A 79 13.78 -10.50 -7.52
N LYS A 80 14.96 -10.87 -8.03
CA LYS A 80 15.57 -12.15 -7.65
C LYS A 80 15.83 -12.22 -6.16
N ASP A 81 16.08 -11.08 -5.52
CA ASP A 81 16.35 -11.05 -4.09
C ASP A 81 15.07 -11.22 -3.28
N TYR A 82 13.92 -11.00 -3.91
CA TYR A 82 12.65 -11.34 -3.29
C TYR A 82 12.32 -12.82 -3.51
N PHE A 83 12.38 -13.29 -4.76
CA PHE A 83 11.98 -14.67 -5.07
C PHE A 83 12.90 -15.67 -4.38
N ASP A 84 14.20 -15.50 -4.54
CA ASP A 84 15.18 -16.45 -4.06
C ASP A 84 15.93 -15.95 -2.83
N GLY A 85 15.50 -14.84 -2.26
CA GLY A 85 16.11 -14.33 -1.05
C GLY A 85 15.13 -14.24 0.11
N LEU A 86 14.25 -13.23 0.07
CA LEU A 86 13.32 -13.01 1.18
C LEU A 86 12.38 -14.20 1.37
N LEU A 87 11.78 -14.69 0.29
CA LEU A 87 10.85 -15.81 0.39
C LEU A 87 11.52 -17.11 0.81
N ARG A 88 12.85 -17.17 0.83
CA ARG A 88 13.59 -18.32 1.32
C ARG A 88 14.22 -18.08 2.68
N ASP A 89 13.92 -16.95 3.32
CA ASP A 89 14.50 -16.57 4.60
C ASP A 89 13.54 -17.03 5.71
N THR A 90 13.94 -18.07 6.45
CA THR A 90 13.12 -18.58 7.54
C THR A 90 12.79 -17.49 8.55
N SER A 91 13.75 -16.63 8.85
CA SER A 91 13.62 -15.57 9.84
C SER A 91 12.90 -14.33 9.31
N ALA A 92 12.42 -14.33 8.07
CA ALA A 92 11.60 -13.23 7.60
C ALA A 92 10.21 -13.35 8.23
N VAL A 93 9.69 -12.22 8.68
CA VAL A 93 8.37 -12.17 9.30
C VAL A 93 7.49 -11.27 8.44
N PHE A 94 6.36 -11.82 8.01
CA PHE A 94 5.35 -11.05 7.27
C PHE A 94 4.40 -10.45 8.30
N ASP A 95 4.68 -9.21 8.69
CA ASP A 95 3.89 -8.48 9.68
C ASP A 95 3.52 -7.14 9.07
N SER A 96 2.22 -6.90 8.89
CA SER A 96 1.76 -5.67 8.26
C SER A 96 1.89 -4.46 9.17
N ALA A 97 2.01 -4.66 10.48
CA ALA A 97 1.93 -3.52 11.40
C ALA A 97 3.10 -2.56 11.23
N PRO A 98 4.37 -2.98 11.29
CA PRO A 98 5.47 -2.02 11.17
C PRO A 98 5.43 -1.25 9.86
N PRO A 99 5.30 -1.88 8.69
CA PRO A 99 5.28 -1.05 7.46
C PRO A 99 4.10 -0.10 7.39
N THR A 100 2.96 -0.45 7.99
CA THR A 100 1.84 0.48 8.00
C THR A 100 2.15 1.68 8.90
N ALA A 101 2.76 1.43 10.07
CA ALA A 101 3.18 2.53 10.92
C ALA A 101 4.16 3.46 10.19
N ALA A 102 5.00 2.89 9.33
CA ALA A 102 5.95 3.72 8.56
C ALA A 102 5.21 4.59 7.54
N VAL A 103 4.15 4.06 6.94
CA VAL A 103 3.33 4.88 6.06
C VAL A 103 2.69 6.02 6.86
N LEU A 104 2.11 5.69 8.03
CA LEU A 104 1.48 6.71 8.86
C LEU A 104 2.49 7.80 9.25
N ALA A 105 3.69 7.39 9.65
CA ALA A 105 4.72 8.35 10.07
C ALA A 105 5.14 9.25 8.91
N ALA A 106 5.32 8.68 7.72
CA ALA A 106 5.72 9.51 6.58
C ALA A 106 4.62 10.50 6.23
N GLU A 107 3.36 10.08 6.36
CA GLU A 107 2.27 11.01 6.10
C GLU A 107 2.21 12.09 7.18
N ALA A 108 2.31 11.68 8.46
CA ALA A 108 2.31 12.65 9.56
C ALA A 108 3.44 13.67 9.40
N LEU A 109 4.65 13.19 9.11
CA LEU A 109 5.84 14.02 9.16
C LEU A 109 6.01 14.88 7.91
N ASP A 110 5.56 14.40 6.76
CA ASP A 110 5.88 15.08 5.51
C ASP A 110 4.82 14.94 4.43
N GLY A 111 3.63 14.41 4.73
CA GLY A 111 2.66 14.16 3.70
C GLY A 111 3.15 13.22 2.61
N LEU A 112 4.00 12.25 2.94
CA LEU A 112 4.57 11.34 1.96
C LEU A 112 4.13 9.90 2.17
N GLY A 113 2.88 9.72 2.60
CA GLY A 113 2.39 8.37 2.85
C GLY A 113 2.38 7.51 1.61
N ALA A 114 1.84 8.03 0.51
CA ALA A 114 1.76 7.24 -0.71
C ALA A 114 3.15 6.92 -1.23
N ALA A 115 4.07 7.89 -1.17
CA ALA A 115 5.43 7.65 -1.64
C ALA A 115 6.14 6.62 -0.78
N MET A 116 5.88 6.64 0.53
CA MET A 116 6.46 5.66 1.45
C MET A 116 5.90 4.27 1.18
N LEU A 117 4.58 4.15 0.94
CA LEU A 117 4.00 2.84 0.62
C LEU A 117 4.67 2.25 -0.62
N ALA A 118 4.79 3.05 -1.68
CA ALA A 118 5.43 2.55 -2.91
C ALA A 118 6.86 2.14 -2.64
N ARG A 119 7.59 2.95 -1.86
CA ARG A 119 8.98 2.65 -1.56
C ARG A 119 9.09 1.37 -0.76
N ILE A 120 8.17 1.19 0.20
CA ILE A 120 8.14 -0.04 1.00
C ILE A 120 7.86 -1.26 0.12
N GLN A 121 6.87 -1.16 -0.77
CA GLN A 121 6.58 -2.30 -1.64
C GLN A 121 7.79 -2.63 -2.51
N ARG A 122 8.47 -1.61 -3.02
CA ARG A 122 9.71 -1.85 -3.76
C ARG A 122 10.73 -2.59 -2.91
N ALA A 123 10.92 -2.15 -1.65
CA ALA A 123 11.91 -2.77 -0.78
C ALA A 123 11.61 -4.27 -0.59
N HIS A 124 10.33 -4.61 -0.49
CA HIS A 124 9.89 -5.99 -0.31
C HIS A 124 9.97 -6.77 -1.63
N TYR A 125 9.21 -6.35 -2.65
CA TYR A 125 9.04 -7.17 -3.86
C TYR A 125 10.23 -7.08 -4.84
N VAL A 126 10.97 -5.98 -4.85
CA VAL A 126 12.10 -5.82 -5.75
C VAL A 126 13.42 -6.14 -5.05
N GLU A 127 13.65 -5.56 -3.88
CA GLU A 127 14.93 -5.66 -3.20
C GLU A 127 14.99 -6.79 -2.18
N GLY A 128 13.87 -7.44 -1.88
CA GLY A 128 13.89 -8.56 -0.96
C GLY A 128 14.21 -8.18 0.48
N ARG A 129 13.94 -6.93 0.88
CA ARG A 129 14.28 -6.45 2.21
C ARG A 129 13.19 -6.83 3.21
N ARG A 130 13.53 -6.74 4.50
CA ARG A 130 12.63 -7.18 5.57
C ARG A 130 11.84 -5.99 6.09
N ILE A 131 10.70 -5.71 5.46
CA ILE A 131 9.95 -4.50 5.78
C ILE A 131 9.25 -4.56 7.13
N ALA A 132 9.27 -5.71 7.81
CA ALA A 132 8.77 -5.73 9.18
C ALA A 132 9.80 -5.20 10.18
N GLU A 133 10.99 -4.86 9.74
CA GLU A 133 12.08 -4.53 10.65
C GLU A 133 12.29 -3.02 10.72
N ARG A 134 12.35 -2.52 11.96
CA ARG A 134 12.52 -1.08 12.17
C ARG A 134 13.73 -0.47 11.46
N PRO A 135 14.92 -1.09 11.47
CA PRO A 135 16.04 -0.44 10.76
C PRO A 135 15.79 -0.34 9.27
N VAL A 136 15.16 -1.35 8.68
CA VAL A 136 14.86 -1.30 7.25
C VAL A 136 13.93 -0.13 6.95
N LEU A 137 12.87 0.01 7.74
CA LEU A 137 11.91 1.08 7.51
C LEU A 137 12.54 2.46 7.75
N LEU A 138 13.39 2.58 8.78
CA LEU A 138 14.07 3.85 9.01
C LEU A 138 14.98 4.19 7.84
N GLU A 139 15.61 3.18 7.25
CA GLU A 139 16.48 3.43 6.11
C GLU A 139 15.68 3.89 4.89
N LEU A 140 14.49 3.33 4.68
CA LEU A 140 13.62 3.80 3.59
C LEU A 140 13.18 5.23 3.82
N GLY A 141 12.82 5.57 5.06
CA GLY A 141 12.45 6.94 5.37
C GLY A 141 13.60 7.90 5.12
N ALA A 142 14.82 7.49 5.48
CA ALA A 142 15.98 8.33 5.25
C ALA A 142 16.26 8.49 3.77
N GLU A 143 16.03 7.43 2.98
CA GLU A 143 16.17 7.54 1.53
C GLU A 143 15.21 8.58 0.95
N LEU A 144 14.02 8.71 1.52
CA LEU A 144 13.04 9.69 1.06
C LEU A 144 13.22 11.06 1.71
N GLY A 145 14.33 11.30 2.40
CA GLY A 145 14.59 12.62 2.97
C GLY A 145 13.92 12.91 4.30
N LEU A 146 13.49 11.89 5.03
CA LEU A 146 12.83 12.08 6.32
C LEU A 146 13.71 11.76 7.53
N GLY A 147 15.03 11.58 7.33
CA GLY A 147 15.89 11.13 8.42
C GLY A 147 15.83 11.98 9.68
N GLU A 148 15.46 13.26 9.54
CA GLU A 148 15.30 14.14 10.71
C GLU A 148 13.85 14.06 11.16
N GLY A 149 13.59 13.18 12.13
CA GLY A 149 12.28 13.05 12.75
C GLY A 149 11.59 11.71 12.48
N PHE A 150 12.03 10.96 11.48
CA PHE A 150 11.28 9.77 11.10
C PHE A 150 11.32 8.70 12.19
N ALA A 151 12.48 8.47 12.80
CA ALA A 151 12.57 7.46 13.84
C ALA A 151 11.56 7.70 14.95
N GLU A 152 11.46 8.95 15.40
CA GLU A 152 10.56 9.21 16.51
C GLU A 152 9.10 9.18 16.06
N ALA A 153 8.82 9.67 14.84
CA ALA A 153 7.45 9.58 14.33
C ALA A 153 7.02 8.14 14.13
N PHE A 154 7.91 7.31 13.60
CA PHE A 154 7.63 5.88 13.49
C PHE A 154 7.29 5.28 14.84
N ASP A 155 8.08 5.59 15.86
CA ASP A 155 7.80 5.00 17.17
C ASP A 155 6.48 5.51 17.73
N ALA A 156 6.18 6.79 17.55
CA ALA A 156 4.91 7.33 18.03
C ALA A 156 3.74 6.69 17.30
N CYS A 157 3.87 6.51 15.99
CA CYS A 157 2.76 6.00 15.21
C CYS A 157 2.51 4.51 15.47
N SER A 158 3.53 3.78 15.91
CA SER A 158 3.44 2.33 16.03
C SER A 158 2.57 1.87 17.20
N GLY A 159 2.23 2.76 18.12
CA GLY A 159 1.43 2.34 19.26
C GLY A 159 -0.06 2.49 19.01
N GLU A 160 -0.71 3.26 19.87
CA GLU A 160 -2.15 3.49 19.74
C GLU A 160 -2.57 4.10 18.40
N PRO A 161 -1.84 5.06 17.81
CA PRO A 161 -2.30 5.59 16.51
C PRO A 161 -2.45 4.52 15.45
N LEU A 162 -1.51 3.58 15.38
CA LEU A 162 -1.66 2.48 14.43
C LEU A 162 -2.90 1.65 14.75
N ARG A 163 -3.13 1.36 16.03
CA ARG A 163 -4.31 0.58 16.39
C ARG A 163 -5.59 1.31 16.01
N ALA A 164 -5.65 2.61 16.28
CA ALA A 164 -6.83 3.38 15.91
C ALA A 164 -6.98 3.44 14.39
N HIS A 165 -5.87 3.49 13.67
CA HIS A 165 -5.90 3.56 12.21
C HIS A 165 -6.47 2.27 11.63
N PHE A 166 -5.97 1.12 12.11
CA PHE A 166 -6.50 -0.17 11.67
C PHE A 166 -8.00 -0.26 11.93
N ALA A 167 -8.44 0.17 13.11
CA ALA A 167 -9.86 0.06 13.43
C ALA A 167 -10.69 0.87 12.45
N ASP A 168 -10.29 2.12 12.21
CA ASP A 168 -10.96 2.94 11.21
C ASP A 168 -11.00 2.25 9.85
N SER A 169 -9.85 1.82 9.38
CA SER A 169 -9.76 1.15 8.07
C SER A 169 -10.68 -0.07 8.02
N ARG A 170 -10.69 -0.86 9.09
CA ARG A 170 -11.48 -2.08 9.04
C ARG A 170 -12.99 -1.79 9.08
N ARG A 171 -13.41 -0.74 9.77
CA ARG A 171 -14.84 -0.44 9.76
C ARG A 171 -15.26 0.17 8.44
N LEU A 172 -14.39 0.99 7.84
CA LEU A 172 -14.65 1.49 6.50
C LEU A 172 -14.83 0.33 5.53
N MET A 173 -13.86 -0.59 5.52
CA MET A 173 -13.95 -1.79 4.70
C MET A 173 -15.22 -2.57 5.01
N ASN A 174 -15.56 -2.70 6.30
CA ASN A 174 -16.80 -3.38 6.70
C ASN A 174 -18.02 -2.70 6.09
N ARG A 175 -18.11 -1.38 6.23
CA ARG A 175 -19.26 -0.64 5.74
C ARG A 175 -19.41 -0.72 4.22
N LEU A 176 -18.31 -0.98 3.50
CA LEU A 176 -18.34 -1.09 2.04
C LEU A 176 -18.53 -2.52 1.57
N GLY A 177 -18.63 -3.48 2.48
CA GLY A 177 -18.72 -4.88 2.12
C GLY A 177 -17.48 -5.40 1.42
N ALA A 178 -16.38 -4.65 1.50
CA ALA A 178 -15.19 -5.04 0.76
C ALA A 178 -14.60 -6.33 1.34
N ALA A 179 -14.38 -7.31 0.47
CA ALA A 179 -13.80 -8.58 0.92
C ALA A 179 -12.31 -8.43 1.28
N GLY A 180 -11.60 -7.51 0.65
CA GLY A 180 -10.19 -7.36 0.94
C GLY A 180 -9.50 -6.23 0.20
N PHE A 181 -8.23 -6.42 -0.11
CA PHE A 181 -7.41 -5.38 -0.71
C PHE A 181 -6.87 -5.81 -2.06
N PRO A 182 -6.64 -4.86 -2.96
CA PRO A 182 -6.89 -3.42 -2.85
C PRO A 182 -8.37 -3.08 -3.05
N THR A 183 -8.86 -2.08 -2.33
CA THR A 183 -10.18 -1.53 -2.60
C THR A 183 -10.05 -0.03 -2.76
N PHE A 184 -10.61 0.50 -3.84
CA PHE A 184 -10.64 1.94 -4.09
C PHE A 184 -12.07 2.42 -4.00
N ALA A 185 -12.28 3.54 -3.32
CA ALA A 185 -13.62 4.10 -3.18
C ALA A 185 -13.55 5.59 -3.40
N LEU A 186 -14.41 6.09 -4.29
CA LEU A 186 -14.41 7.50 -4.65
C LEU A 186 -15.49 8.20 -3.85
N GLU A 187 -15.11 9.29 -3.18
CA GLU A 187 -16.07 10.06 -2.38
C GLU A 187 -16.39 11.35 -3.11
N ARG A 188 -17.69 11.61 -3.30
CA ARG A 188 -18.21 12.79 -3.98
C ARG A 188 -19.38 13.32 -3.15
N ASP A 189 -19.29 14.56 -2.69
CA ASP A 189 -20.40 15.24 -2.02
C ASP A 189 -21.03 14.34 -0.96
N GLY A 190 -20.19 13.79 -0.09
CA GLY A 190 -20.67 12.92 0.96
C GLY A 190 -21.10 11.54 0.54
N ARG A 191 -20.96 11.18 -0.75
CA ARG A 191 -21.27 9.82 -1.21
C ARG A 191 -19.99 9.02 -1.40
N LEU A 192 -20.13 7.70 -1.30
CA LEU A 192 -19.03 6.77 -1.42
C LEU A 192 -19.40 5.71 -2.46
N GLN A 193 -18.52 5.51 -3.43
CA GLN A 193 -18.73 4.50 -4.46
C GLN A 193 -17.47 3.67 -4.61
N VAL A 194 -17.59 2.35 -4.42
CA VAL A 194 -16.44 1.48 -4.63
C VAL A 194 -16.21 1.34 -6.13
N LEU A 195 -14.96 1.47 -6.55
CA LEU A 195 -14.61 1.41 -7.96
C LEU A 195 -14.21 0.00 -8.39
N ASP A 196 -14.24 -0.23 -9.71
CA ASP A 196 -13.93 -1.54 -10.28
C ASP A 196 -12.42 -1.61 -10.54
N THR A 197 -11.68 -1.88 -9.46
CA THR A 197 -10.23 -1.89 -9.53
C THR A 197 -9.70 -2.96 -10.46
N GLY A 198 -10.36 -4.11 -10.50
CA GLY A 198 -9.94 -5.17 -11.41
C GLY A 198 -9.94 -4.74 -12.87
N ARG A 199 -10.93 -3.93 -13.26
CA ARG A 199 -11.00 -3.42 -14.63
C ARG A 199 -9.78 -2.57 -14.98
N TYR A 200 -9.10 -2.00 -13.99
CA TYR A 200 -8.02 -1.05 -14.23
C TYR A 200 -6.63 -1.59 -13.90
N LEU A 201 -6.52 -2.76 -13.30
CA LEU A 201 -5.20 -3.34 -13.05
C LEU A 201 -4.42 -3.46 -14.35
N GLY A 202 -3.20 -2.90 -14.36
CA GLY A 202 -2.41 -2.89 -15.57
C GLY A 202 -2.73 -1.78 -16.55
N GLN A 203 -3.67 -0.89 -16.23
CA GLN A 203 -4.08 0.18 -17.14
C GLN A 203 -4.08 1.51 -16.40
N PRO A 204 -2.90 1.97 -15.94
CA PRO A 204 -2.88 3.21 -15.14
C PRO A 204 -3.30 4.44 -15.93
N ASP A 205 -3.02 4.50 -17.23
CA ASP A 205 -3.49 5.63 -18.03
C ASP A 205 -5.01 5.64 -18.13
N ASP A 206 -5.62 4.46 -18.34
CA ASP A 206 -7.09 4.34 -18.27
C ASP A 206 -7.61 4.84 -16.93
N TRP A 207 -6.92 4.46 -15.85
CA TRP A 207 -7.35 4.81 -14.49
C TRP A 207 -7.30 6.31 -14.27
N ARG A 208 -6.17 6.94 -14.64
CA ARG A 208 -6.08 8.39 -14.54
C ARG A 208 -7.22 9.07 -15.30
N ALA A 209 -7.48 8.63 -16.54
CA ALA A 209 -8.56 9.22 -17.32
C ALA A 209 -9.92 8.95 -16.69
N PHE A 210 -10.12 7.77 -16.10
CA PHE A 210 -11.39 7.50 -15.45
C PHE A 210 -11.64 8.49 -14.33
N LEU A 211 -10.60 8.77 -13.53
CA LEU A 211 -10.73 9.72 -12.43
C LEU A 211 -10.93 11.14 -12.94
N GLU A 212 -10.18 11.53 -13.97
CA GLU A 212 -10.43 12.82 -14.63
C GLU A 212 -11.85 12.90 -15.17
N THR A 213 -12.35 11.82 -15.77
CA THR A 213 -13.70 11.83 -16.32
C THR A 213 -14.75 11.95 -15.24
N GLN A 214 -14.49 11.38 -14.06
CA GLN A 214 -15.44 11.53 -12.96
C GLN A 214 -15.47 12.98 -12.49
N LEU A 215 -14.32 13.62 -12.42
CA LEU A 215 -14.29 15.04 -12.07
C LEU A 215 -15.10 15.87 -13.04
N ARG A 216 -14.94 15.62 -14.35
CA ARG A 216 -15.71 16.35 -15.35
C ARG A 216 -17.20 16.09 -15.19
N LEU A 217 -17.58 14.84 -14.90
CA LEU A 217 -19.00 14.52 -14.77
C LEU A 217 -19.62 15.13 -13.52
N ALA A 218 -18.81 15.63 -12.60
CA ALA A 218 -19.31 16.25 -11.38
C ALA A 218 -19.53 17.75 -11.57
#